data_3R5F
#
_entry.id   3R5F
#
_cell.length_a   83.225
_cell.length_b   83.225
_cell.length_c   97.143
_cell.angle_alpha   90.00
_cell.angle_beta   90.00
_cell.angle_gamma   90.00
#
_symmetry.space_group_name_H-M   'P 43 21 2'
#
loop_
_entity.id
_entity.type
_entity.pdbx_description
1 polymer 'D-alanine--D-alanine ligase 1'
2 non-polymer "ADENOSINE-5'-TRIPHOSPHATE"
3 non-polymer 'MAGNESIUM ION'
4 water water
#
_entity_poly.entity_id   1
_entity_poly.type   'polypeptide(L)'
_entity_poly.pdbx_seq_one_letter_code
;HHHHHHHSSENLYFQGHMRKIRVGLIFGGKSAEHEVSLQSARNILDALDPQRFEPVLIGIDKQGQWHVNDPDSFLLHADD
PARIALHRSGRGVALLPGAQQQQLRPIQPEQALAQIDVVFPIVHGTLGEDGSLQGLLRMANLPFVGSGVLGSAVAMDKDM
AKRVLRDARLAVAPFVCFDRHTAAHADVDTLIAQLGLPLFVKPANQGSSVGVSQVRTADAFAAALALALAYDHKVLVEAA
VAGREIECAVLGNAVPHASVCGEVVVHDAFYSYATKYISEHGAEIVIPADIDAQTQQRIQQIAVQAYQALGCAGMARVDV
FLCADGRIVINEVNTLPGFTRISVYPKLWQASGLDYRGLITRLIELALERHTDDQLLRSAVELH
;
_entity_poly.pdbx_strand_id   A
#
# COMPACT_ATOMS: atom_id res chain seq x y z
N LYS A 20 -23.23 17.15 2.33
CA LYS A 20 -22.49 15.94 2.76
C LYS A 20 -21.99 15.22 1.53
N ILE A 21 -20.82 14.61 1.66
CA ILE A 21 -20.28 13.82 0.53
C ILE A 21 -20.31 12.34 0.88
N ARG A 22 -20.62 11.50 -0.13
CA ARG A 22 -20.77 10.06 0.04
C ARG A 22 -19.36 9.44 -0.24
N VAL A 23 -18.92 8.56 0.68
CA VAL A 23 -17.56 8.00 0.68
C VAL A 23 -17.81 6.52 0.41
N GLY A 24 -17.33 6.04 -0.73
CA GLY A 24 -17.49 4.65 -1.11
C GLY A 24 -16.28 3.97 -0.54
N LEU A 25 -16.50 3.26 0.56
CA LEU A 25 -15.45 2.42 1.17
C LEU A 25 -15.42 1.06 0.51
N ILE A 26 -14.31 0.77 -0.21
CA ILE A 26 -14.22 -0.54 -0.86
C ILE A 26 -13.09 -1.31 -0.20
N PHE A 27 -13.37 -2.53 0.22
CA PHE A 27 -12.47 -3.20 1.21
C PHE A 27 -12.56 -4.70 1.05
N GLY A 28 -11.70 -5.44 1.71
CA GLY A 28 -11.70 -6.90 1.64
C GLY A 28 -10.59 -7.34 0.67
N GLY A 29 -10.92 -8.19 -0.29
CA GLY A 29 -9.93 -8.62 -1.31
C GLY A 29 -9.42 -10.05 -1.11
N LYS A 30 -8.91 -10.59 -2.19
CA LYS A 30 -8.28 -11.89 -2.19
C LYS A 30 -6.87 -11.64 -1.74
N SER A 31 -6.65 -11.81 -0.46
CA SER A 31 -5.40 -11.42 0.18
C SER A 31 -5.36 -12.13 1.52
N ALA A 32 -4.15 -12.56 1.91
CA ALA A 32 -3.81 -12.93 3.28
C ALA A 32 -4.18 -11.83 4.26
N GLU A 33 -4.03 -10.56 3.82
CA GLU A 33 -4.41 -9.38 4.58
C GLU A 33 -5.90 -9.06 4.58
N HIS A 34 -6.72 -10.01 4.10
CA HIS A 34 -8.14 -9.73 3.97
C HIS A 34 -8.77 -9.21 5.25
N GLU A 35 -8.48 -9.86 6.39
CA GLU A 35 -9.07 -9.57 7.73
C GLU A 35 -8.66 -8.21 8.27
N VAL A 36 -7.43 -7.82 7.95
CA VAL A 36 -6.85 -6.50 8.23
C VAL A 36 -7.71 -5.43 7.52
N SER A 37 -8.05 -5.68 6.24
CA SER A 37 -8.90 -4.75 5.47
C SER A 37 -10.31 -4.62 6.11
N LEU A 38 -10.85 -5.77 6.50
CA LEU A 38 -12.10 -5.78 7.28
C LEU A 38 -12.01 -4.85 8.50
N GLN A 39 -10.97 -5.01 9.29
CA GLN A 39 -10.81 -4.19 10.47
C GLN A 39 -10.60 -2.72 10.13
N SER A 40 -9.87 -2.47 9.07
CA SER A 40 -9.58 -1.09 8.65
C SER A 40 -10.89 -0.41 8.32
N ALA A 41 -11.75 -1.15 7.63
CA ALA A 41 -13.02 -0.63 7.20
C ALA A 41 -13.90 -0.21 8.35
N ARG A 42 -13.97 -1.07 9.37
CA ARG A 42 -14.73 -0.80 10.59
C ARG A 42 -14.15 0.40 11.34
N ASN A 43 -12.83 0.49 11.41
CA ASN A 43 -12.22 1.65 12.05
C ASN A 43 -12.50 2.96 11.34
N ILE A 44 -12.31 2.95 10.03
CA ILE A 44 -12.59 4.10 9.18
C ILE A 44 -14.06 4.53 9.31
N LEU A 45 -14.94 3.54 9.29
CA LEU A 45 -16.34 3.79 9.34
C LEU A 45 -16.68 4.55 10.63
N ASP A 46 -16.01 4.19 11.72
CA ASP A 46 -16.32 4.77 13.02
C ASP A 46 -15.68 6.10 13.20
N ALA A 47 -14.61 6.39 12.46
CA ALA A 47 -14.05 7.70 12.59
C ALA A 47 -14.53 8.72 11.56
N LEU A 48 -15.20 8.28 10.51
CA LEU A 48 -15.64 9.19 9.45
C LEU A 48 -16.45 10.35 10.04
N ASP A 49 -16.09 11.59 9.73
CA ASP A 49 -16.75 12.72 10.33
C ASP A 49 -18.16 12.83 9.80
N PRO A 50 -19.16 12.61 10.65
CA PRO A 50 -20.59 12.61 10.31
C PRO A 50 -21.13 13.96 9.80
N GLN A 51 -20.48 15.07 10.14
CA GLN A 51 -20.82 16.38 9.56
C GLN A 51 -20.59 16.36 8.05
N ARG A 52 -19.50 15.71 7.61
CA ARG A 52 -19.07 15.82 6.19
C ARG A 52 -19.35 14.60 5.34
N PHE A 53 -19.44 13.42 5.94
CA PHE A 53 -19.43 12.18 5.17
C PHE A 53 -20.50 11.20 5.52
N GLU A 54 -21.09 10.57 4.48
CA GLU A 54 -21.95 9.37 4.60
C GLU A 54 -21.21 8.23 3.93
N PRO A 55 -21.17 7.04 4.57
CA PRO A 55 -20.44 5.96 3.94
C PRO A 55 -21.34 5.18 3.04
N VAL A 56 -20.75 4.53 2.03
CA VAL A 56 -21.41 3.47 1.28
C VAL A 56 -20.39 2.32 1.28
N LEU A 57 -20.84 1.12 1.57
CA LEU A 57 -19.96 0.00 1.81
C LEU A 57 -19.97 -0.98 0.65
N ILE A 58 -18.79 -1.26 0.09
CA ILE A 58 -18.67 -2.32 -0.93
C ILE A 58 -17.58 -3.29 -0.52
N GLY A 59 -17.95 -4.49 -0.13
CA GLY A 59 -16.98 -5.49 0.31
C GLY A 59 -16.63 -6.46 -0.80
N ILE A 60 -15.35 -6.83 -0.89
CA ILE A 60 -14.90 -7.77 -1.88
C ILE A 60 -14.51 -9.01 -1.14
N ASP A 61 -15.21 -10.13 -1.39
CA ASP A 61 -14.94 -11.37 -0.66
C ASP A 61 -13.65 -12.03 -1.15
N LYS A 62 -13.38 -13.23 -0.66
CA LYS A 62 -12.05 -13.83 -0.87
C LYS A 62 -11.93 -14.53 -2.22
N GLN A 63 -13.06 -14.59 -2.94
CA GLN A 63 -13.17 -15.12 -4.31
C GLN A 63 -13.07 -14.02 -5.40
N GLY A 64 -13.10 -12.75 -4.99
CA GLY A 64 -13.03 -11.61 -5.89
C GLY A 64 -14.37 -10.91 -6.11
N GLN A 65 -15.38 -11.37 -5.40
CA GLN A 65 -16.74 -10.90 -5.60
C GLN A 65 -17.23 -9.73 -4.77
N TRP A 66 -17.90 -8.79 -5.42
CA TRP A 66 -18.28 -7.52 -4.81
C TRP A 66 -19.70 -7.60 -4.20
N HIS A 67 -19.89 -7.03 -3.01
CA HIS A 67 -21.15 -7.11 -2.24
C HIS A 67 -21.43 -5.75 -1.62
N VAL A 68 -22.60 -5.19 -1.90
CA VAL A 68 -22.98 -3.96 -1.22
C VAL A 68 -23.44 -4.38 0.19
N ASN A 69 -23.06 -3.63 1.22
CA ASN A 69 -23.62 -3.89 2.56
C ASN A 69 -24.10 -2.65 3.28
N ASP A 70 -25.01 -2.84 4.24
CA ASP A 70 -25.39 -1.79 5.19
C ASP A 70 -24.30 -1.72 6.28
N PRO A 71 -23.98 -0.51 6.77
CA PRO A 71 -22.99 -0.30 7.86
C PRO A 71 -23.23 -1.14 9.11
N ASP A 72 -24.47 -1.41 9.44
CA ASP A 72 -24.72 -2.15 10.64
C ASP A 72 -24.58 -3.65 10.44
N SER A 73 -24.52 -4.07 9.20
CA SER A 73 -24.49 -5.49 8.88
C SER A 73 -23.49 -5.99 7.88
N PHE A 74 -22.33 -5.39 7.78
CA PHE A 74 -21.39 -5.79 6.74
C PHE A 74 -20.40 -6.87 7.21
N LEU A 75 -20.34 -7.09 8.53
CA LEU A 75 -19.41 -8.10 9.11
C LEU A 75 -20.10 -9.30 9.77
N LEU A 76 -19.52 -10.47 9.61
CA LEU A 76 -19.93 -11.63 10.42
C LEU A 76 -18.90 -11.74 11.55
N HIS A 77 -19.33 -12.02 12.76
CA HIS A 77 -18.43 -12.18 13.95
C HIS A 77 -17.51 -10.99 14.11
N ALA A 78 -18.06 -9.78 14.03
CA ALA A 78 -17.25 -8.55 13.99
C ALA A 78 -16.31 -8.48 15.17
N ASP A 79 -16.78 -8.90 16.35
CA ASP A 79 -15.95 -8.72 17.58
C ASP A 79 -15.08 -9.94 17.88
N ASP A 80 -14.88 -10.81 16.91
CA ASP A 80 -13.99 -11.95 17.12
C ASP A 80 -12.88 -11.98 16.09
N PRO A 81 -11.68 -11.52 16.44
CA PRO A 81 -10.60 -11.42 15.44
C PRO A 81 -10.24 -12.73 14.76
N ALA A 82 -10.58 -13.88 15.37
CA ALA A 82 -10.24 -15.17 14.75
C ALA A 82 -11.32 -15.64 13.75
N ARG A 83 -12.51 -15.06 13.86
CA ARG A 83 -13.66 -15.44 13.03
C ARG A 83 -14.22 -14.29 12.11
N ILE A 84 -13.77 -13.05 12.31
CA ILE A 84 -14.31 -11.89 11.59
C ILE A 84 -14.36 -12.17 10.07
N ALA A 85 -15.52 -11.98 9.47
CA ALA A 85 -15.65 -12.27 8.03
C ALA A 85 -16.58 -11.30 7.33
N LEU A 86 -16.45 -11.21 6.01
CA LEU A 86 -17.34 -10.37 5.23
C LEU A 86 -18.73 -10.99 5.11
N HIS A 87 -19.77 -10.22 5.35
CA HIS A 87 -21.12 -10.66 5.06
C HIS A 87 -21.31 -10.59 3.54
N ARG A 88 -21.39 -11.75 2.90
CA ARG A 88 -21.49 -11.81 1.44
C ARG A 88 -22.98 -11.62 1.13
N SER A 89 -23.42 -10.35 1.10
CA SER A 89 -24.85 -10.05 0.96
C SER A 89 -25.38 -10.46 -0.42
N GLY A 90 -24.48 -10.81 -1.34
CA GLY A 90 -24.88 -11.16 -2.71
C GLY A 90 -25.56 -10.02 -3.45
N ARG A 91 -25.41 -8.80 -2.92
CA ARG A 91 -25.86 -7.60 -3.58
C ARG A 91 -24.74 -7.06 -4.49
N GLY A 92 -24.79 -7.48 -5.75
CA GLY A 92 -23.71 -7.27 -6.70
C GLY A 92 -23.58 -5.84 -7.17
N VAL A 93 -22.47 -5.55 -7.84
CA VAL A 93 -22.11 -4.20 -8.25
C VAL A 93 -21.77 -4.18 -9.75
N ALA A 94 -22.16 -3.12 -10.42
CA ALA A 94 -21.84 -2.90 -11.79
C ALA A 94 -21.22 -1.55 -11.88
N LEU A 95 -20.28 -1.44 -12.78
CA LEU A 95 -19.58 -0.23 -13.04
C LEU A 95 -19.86 0.19 -14.47
N LEU A 96 -20.22 1.41 -14.68
CA LEU A 96 -20.44 1.79 -16.01
C LEU A 96 -19.29 2.64 -16.42
N PRO A 97 -18.44 2.10 -17.26
CA PRO A 97 -17.21 2.76 -17.68
C PRO A 97 -17.61 3.97 -18.40
N GLY A 98 -16.95 5.09 -18.18
CA GLY A 98 -17.31 6.29 -18.91
C GLY A 98 -18.60 6.95 -18.42
N ALA A 99 -19.26 6.36 -17.44
CA ALA A 99 -20.39 7.04 -16.80
C ALA A 99 -19.88 8.21 -15.97
N GLN A 100 -20.73 9.21 -15.84
CA GLN A 100 -20.36 10.43 -15.19
C GLN A 100 -21.16 10.62 -13.87
N GLN A 101 -22.17 9.77 -13.67
CA GLN A 101 -23.06 9.81 -12.52
C GLN A 101 -23.56 8.40 -12.26
N GLN A 102 -23.85 8.05 -11.01
CA GLN A 102 -24.25 6.65 -10.71
C GLN A 102 -23.33 5.64 -11.45
N GLN A 103 -22.03 5.85 -11.35
CA GLN A 103 -21.06 4.97 -12.04
C GLN A 103 -21.05 3.57 -11.49
N LEU A 104 -21.34 3.48 -10.18
CA LEU A 104 -21.46 2.21 -9.48
C LEU A 104 -22.89 1.85 -9.24
N ARG A 105 -23.31 0.76 -9.84
CA ARG A 105 -24.69 0.39 -9.87
C ARG A 105 -25.04 -0.97 -9.40
N PRO A 106 -26.17 -1.06 -8.74
CA PRO A 106 -26.63 -2.33 -8.26
C PRO A 106 -27.13 -3.18 -9.38
N ILE A 107 -26.80 -4.45 -9.29
CA ILE A 107 -27.27 -5.42 -10.24
C ILE A 107 -28.71 -5.84 -9.96
N GLN A 108 -29.25 -5.56 -8.78
CA GLN A 108 -30.63 -5.91 -8.50
C GLN A 108 -31.23 -4.96 -7.49
N ALA A 112 -31.25 0.16 -6.08
CA ALA A 112 -30.40 1.34 -6.25
C ALA A 112 -29.41 1.61 -5.12
N LEU A 113 -28.38 2.39 -5.46
CA LEU A 113 -27.19 2.63 -4.63
C LEU A 113 -26.91 4.15 -4.64
N ALA A 114 -26.65 4.71 -3.46
CA ALA A 114 -26.31 6.11 -3.33
C ALA A 114 -25.22 6.46 -4.33
N GLN A 115 -25.34 7.64 -4.94
CA GLN A 115 -24.26 8.26 -5.71
C GLN A 115 -23.02 8.28 -4.83
N ILE A 116 -21.94 7.62 -5.24
CA ILE A 116 -20.63 7.80 -4.58
C ILE A 116 -19.87 9.05 -5.05
N ASP A 117 -19.36 9.87 -4.13
CA ASP A 117 -18.60 11.06 -4.54
C ASP A 117 -17.07 10.90 -4.45
N VAL A 118 -16.62 10.01 -3.58
CA VAL A 118 -15.16 9.76 -3.44
C VAL A 118 -15.02 8.34 -2.94
N VAL A 119 -14.01 7.63 -3.42
CA VAL A 119 -13.84 6.22 -3.08
C VAL A 119 -12.64 6.16 -2.17
N PHE A 120 -12.72 5.36 -1.10
CA PHE A 120 -11.55 5.18 -0.22
C PHE A 120 -11.24 3.69 -0.40
N PRO A 121 -10.33 3.32 -1.28
CA PRO A 121 -10.05 1.91 -1.50
C PRO A 121 -8.98 1.32 -0.56
N ILE A 122 -9.35 0.27 0.12
CA ILE A 122 -8.48 -0.44 1.03
C ILE A 122 -8.44 -1.92 0.71
N VAL A 123 -8.46 -2.23 -0.56
CA VAL A 123 -8.41 -3.59 -0.98
C VAL A 123 -6.99 -4.08 -1.04
N HIS A 124 -6.70 -5.04 -0.17
CA HIS A 124 -5.38 -5.65 -0.11
C HIS A 124 -5.33 -6.77 -1.14
N GLY A 125 -4.15 -7.10 -1.62
CA GLY A 125 -4.09 -8.12 -2.66
C GLY A 125 -3.58 -7.46 -3.92
N THR A 126 -3.19 -8.28 -4.89
CA THR A 126 -2.60 -7.80 -6.13
C THR A 126 -3.46 -6.75 -6.84
N LEU A 127 -4.70 -7.06 -7.15
CA LEU A 127 -5.49 -6.11 -7.97
C LEU A 127 -5.81 -4.80 -7.19
N GLY A 128 -5.95 -4.88 -5.86
CA GLY A 128 -6.35 -3.67 -5.07
C GLY A 128 -5.19 -2.67 -4.93
N GLU A 129 -4.01 -3.23 -5.12
CA GLU A 129 -2.78 -2.51 -4.81
C GLU A 129 -1.92 -2.11 -5.98
N ASP A 130 -2.07 -2.80 -7.10
CA ASP A 130 -1.08 -2.73 -8.16
C ASP A 130 -1.45 -1.72 -9.25
N GLY A 131 -2.53 -0.96 -9.04
CA GLY A 131 -2.93 0.04 -10.06
C GLY A 131 -4.17 -0.38 -10.82
N SER A 132 -4.54 -1.68 -10.75
CA SER A 132 -5.66 -2.19 -11.54
C SER A 132 -6.96 -1.60 -11.00
N LEU A 133 -7.12 -1.67 -9.69
CA LEU A 133 -8.39 -1.14 -9.09
C LEU A 133 -8.44 0.38 -9.37
N GLN A 134 -7.30 1.03 -9.20
CA GLN A 134 -7.15 2.45 -9.46
C GLN A 134 -7.56 2.81 -10.90
N GLY A 135 -7.22 1.92 -11.82
CA GLY A 135 -7.57 2.18 -13.21
C GLY A 135 -9.06 2.06 -13.50
N LEU A 136 -9.69 1.11 -12.84
CA LEU A 136 -11.12 0.94 -12.90
C LEU A 136 -11.78 2.18 -12.32
N LEU A 137 -11.30 2.70 -11.21
CA LEU A 137 -11.85 3.90 -10.60
C LEU A 137 -11.68 5.11 -11.52
N ARG A 138 -10.50 5.24 -12.13
CA ARG A 138 -10.30 6.24 -13.19
C ARG A 138 -11.26 6.13 -14.37
N MET A 139 -11.55 4.89 -14.79
CA MET A 139 -12.42 4.63 -15.98
C MET A 139 -13.89 4.94 -15.60
N ALA A 140 -14.15 4.95 -14.29
CA ALA A 140 -15.48 5.29 -13.84
C ALA A 140 -15.53 6.77 -13.47
N ASN A 141 -14.44 7.51 -13.64
CA ASN A 141 -14.34 8.89 -13.26
C ASN A 141 -14.65 9.10 -11.76
N LEU A 142 -14.21 8.21 -10.89
CA LEU A 142 -14.44 8.41 -9.45
C LEU A 142 -13.20 8.94 -8.79
N PRO A 143 -13.33 10.04 -8.03
CA PRO A 143 -12.17 10.45 -7.24
C PRO A 143 -11.87 9.34 -6.26
N PHE A 144 -10.62 9.15 -5.90
CA PHE A 144 -10.35 8.07 -5.00
C PHE A 144 -9.11 8.33 -4.15
N VAL A 145 -9.05 7.72 -2.96
CA VAL A 145 -7.94 8.01 -2.08
C VAL A 145 -6.65 7.23 -2.45
N GLY A 146 -5.49 7.87 -2.32
CA GLY A 146 -4.24 7.08 -2.43
C GLY A 146 -3.58 7.26 -3.79
N SER A 147 -2.51 6.52 -4.05
CA SER A 147 -1.83 6.66 -5.34
C SER A 147 -2.68 6.36 -6.58
N GLY A 148 -2.34 7.01 -7.68
CA GLY A 148 -3.03 6.82 -8.94
C GLY A 148 -2.46 5.57 -9.61
N VAL A 149 -2.72 5.43 -10.89
CA VAL A 149 -2.31 4.13 -11.55
C VAL A 149 -0.80 3.88 -11.52
N LEU A 150 -0.05 4.86 -12.03
CA LEU A 150 1.38 4.79 -12.08
C LEU A 150 2.04 4.60 -10.73
N GLY A 151 1.73 5.46 -9.75
CA GLY A 151 2.39 5.38 -8.46
C GLY A 151 2.15 4.02 -7.79
N SER A 152 0.94 3.48 -7.96
CA SER A 152 0.61 2.22 -7.33
C SER A 152 1.36 1.08 -8.04
N ALA A 153 1.31 1.05 -9.37
CA ALA A 153 1.96 0.01 -10.20
C ALA A 153 3.42 0.06 -9.87
N VAL A 154 3.98 1.27 -9.86
CA VAL A 154 5.46 1.37 -9.72
C VAL A 154 5.90 0.95 -8.31
N ALA A 155 5.26 1.50 -7.27
CA ALA A 155 5.61 1.08 -5.85
C ALA A 155 5.45 -0.40 -5.56
N MET A 156 4.39 -0.94 -6.14
CA MET A 156 4.02 -2.35 -5.95
C MET A 156 5.01 -3.34 -6.53
N ASP A 157 5.65 -2.98 -7.64
CA ASP A 157 6.68 -3.79 -8.30
C ASP A 157 8.07 -3.39 -7.69
N LYS A 158 8.59 -4.19 -6.76
CA LYS A 158 9.75 -3.81 -6.01
C LYS A 158 10.98 -3.68 -6.88
N ASP A 159 11.02 -4.40 -8.00
CA ASP A 159 12.06 -4.30 -8.96
C ASP A 159 12.06 -2.92 -9.64
N MET A 160 10.93 -2.55 -10.23
CA MET A 160 10.85 -1.25 -10.92
C MET A 160 11.09 -0.11 -9.86
N ALA A 161 10.45 -0.22 -8.70
CA ALA A 161 10.63 0.78 -7.60
C ALA A 161 12.06 1.03 -7.18
N LYS A 162 12.84 -0.04 -6.92
CA LYS A 162 14.30 0.07 -6.60
C LYS A 162 15.09 0.73 -7.73
N ARG A 163 14.74 0.39 -8.99
CA ARG A 163 15.45 1.00 -10.15
C ARG A 163 15.11 2.49 -10.22
N VAL A 164 13.83 2.82 -9.94
CA VAL A 164 13.40 4.24 -9.98
C VAL A 164 14.07 5.00 -8.81
N LEU A 165 14.05 4.38 -7.63
CA LEU A 165 14.72 4.95 -6.44
C LEU A 165 16.20 5.16 -6.66
N ARG A 166 16.83 4.15 -7.26
CA ARG A 166 18.24 4.08 -7.51
C ARG A 166 18.62 5.25 -8.39
N ASP A 167 17.79 5.51 -9.40
CA ASP A 167 18.03 6.52 -10.40
C ASP A 167 17.88 7.91 -9.76
N ALA A 168 17.02 8.03 -8.77
CA ALA A 168 16.83 9.29 -8.08
C ALA A 168 17.94 9.48 -6.98
N ARG A 169 18.97 8.63 -7.04
CA ARG A 169 20.12 8.65 -6.14
C ARG A 169 19.72 8.46 -4.73
N LEU A 170 18.72 7.59 -4.49
CA LEU A 170 18.45 7.10 -3.16
C LEU A 170 19.02 5.68 -3.07
N ALA A 171 19.51 5.29 -1.89
CA ALA A 171 20.23 4.04 -1.68
C ALA A 171 19.15 2.98 -1.53
N VAL A 172 19.32 1.84 -2.18
CA VAL A 172 18.36 0.71 -1.95
C VAL A 172 19.27 -0.49 -1.77
N ALA A 173 18.81 -1.60 -1.22
CA ALA A 173 19.74 -2.80 -1.13
C ALA A 173 20.24 -3.20 -2.49
N PRO A 174 21.55 -3.43 -2.64
CA PRO A 174 21.97 -4.01 -3.89
C PRO A 174 21.29 -5.42 -4.18
N PHE A 175 21.09 -5.75 -5.44
CA PHE A 175 20.19 -6.82 -5.83
C PHE A 175 20.31 -7.21 -7.28
N VAL A 176 19.81 -8.41 -7.58
CA VAL A 176 19.69 -8.87 -8.96
C VAL A 176 18.25 -9.35 -9.10
N CYS A 177 17.66 -9.23 -10.27
CA CYS A 177 16.28 -9.64 -10.49
C CYS A 177 16.26 -10.75 -11.53
N PHE A 178 15.57 -11.84 -11.23
CA PHE A 178 15.41 -12.96 -12.17
C PHE A 178 13.93 -13.13 -12.48
N ASP A 179 13.63 -13.52 -13.71
CA ASP A 179 12.33 -14.15 -14.04
C ASP A 179 12.45 -15.68 -14.16
N ARG A 180 11.34 -16.35 -14.52
CA ARG A 180 11.31 -17.79 -14.80
C ARG A 180 12.32 -18.16 -15.87
N HIS A 181 12.42 -17.32 -16.89
CA HIS A 181 13.28 -17.54 -18.05
C HIS A 181 14.78 -17.34 -17.84
N THR A 182 15.17 -16.94 -16.63
CA THR A 182 16.56 -16.58 -16.31
C THR A 182 17.02 -17.14 -14.93
N ALA A 183 16.03 -17.56 -14.15
CA ALA A 183 16.20 -18.07 -12.80
C ALA A 183 16.76 -19.46 -12.94
N ALA A 184 16.37 -20.13 -14.03
CA ALA A 184 16.92 -21.45 -14.35
C ALA A 184 18.44 -21.37 -14.54
N HIS A 185 18.93 -20.19 -14.92
CA HIS A 185 20.35 -19.93 -15.20
C HIS A 185 21.13 -19.37 -14.01
N ALA A 186 20.49 -19.17 -12.84
CA ALA A 186 21.11 -18.44 -11.73
C ALA A 186 22.40 -19.11 -11.24
N ASP A 187 23.48 -18.33 -11.09
CA ASP A 187 24.73 -18.87 -10.49
C ASP A 187 24.90 -18.40 -9.04
N VAL A 188 24.68 -19.31 -8.11
CA VAL A 188 24.69 -18.94 -6.71
C VAL A 188 26.05 -18.41 -6.26
N ASP A 189 27.15 -18.94 -6.82
CA ASP A 189 28.49 -18.50 -6.42
C ASP A 189 28.72 -17.09 -6.83
N THR A 190 28.40 -16.75 -8.08
CA THR A 190 28.55 -15.35 -8.49
C THR A 190 27.67 -14.41 -7.65
N LEU A 191 26.50 -14.90 -7.27
CA LEU A 191 25.57 -14.09 -6.44
C LEU A 191 26.15 -13.81 -5.02
N ILE A 192 26.61 -14.88 -4.38
CA ILE A 192 27.29 -14.76 -3.10
C ILE A 192 28.53 -13.90 -3.25
N ALA A 193 29.26 -14.01 -4.38
CA ALA A 193 30.46 -13.17 -4.57
C ALA A 193 30.09 -11.71 -4.72
N GLN A 194 28.97 -11.44 -5.41
CA GLN A 194 28.49 -10.08 -5.59
C GLN A 194 27.75 -9.52 -4.38
N LEU A 195 26.79 -10.28 -3.83
CA LEU A 195 25.86 -9.73 -2.84
C LEU A 195 26.08 -10.27 -1.42
N GLY A 196 26.84 -11.36 -1.30
CA GLY A 196 27.18 -11.85 0.04
C GLY A 196 26.13 -12.78 0.60
N LEU A 197 26.12 -12.92 1.92
CA LEU A 197 25.29 -13.86 2.63
C LEU A 197 25.01 -13.19 3.97
N PRO A 198 23.77 -13.33 4.48
CA PRO A 198 22.63 -14.01 3.89
C PRO A 198 22.13 -13.27 2.61
N LEU A 199 21.31 -13.92 1.79
CA LEU A 199 20.65 -13.24 0.66
C LEU A 199 19.19 -13.20 1.01
N PHE A 200 18.53 -12.10 0.63
CA PHE A 200 17.09 -12.04 0.81
C PHE A 200 16.45 -12.26 -0.55
N VAL A 201 15.66 -13.31 -0.64
CA VAL A 201 15.01 -13.67 -1.91
C VAL A 201 13.54 -13.29 -1.79
N LYS A 202 13.03 -12.58 -2.80
CA LYS A 202 11.62 -12.15 -2.75
C LYS A 202 10.93 -11.93 -4.09
N PRO A 203 9.63 -12.24 -4.15
CA PRO A 203 8.96 -11.94 -5.39
C PRO A 203 8.83 -10.40 -5.57
N ALA A 204 8.84 -9.95 -6.80
CA ALA A 204 8.85 -8.49 -7.03
C ALA A 204 7.51 -7.81 -6.63
N ASN A 205 6.43 -8.50 -6.86
CA ASN A 205 5.22 -7.90 -6.46
C ASN A 205 4.86 -8.00 -5.01
N GLN A 206 4.85 -6.84 -4.40
CA GLN A 206 4.80 -6.64 -2.97
C GLN A 206 3.41 -6.81 -2.39
N GLY A 207 2.56 -7.40 -3.21
CA GLY A 207 1.17 -7.68 -2.95
C GLY A 207 1.00 -8.59 -1.77
N SER A 208 1.94 -9.51 -1.60
CA SER A 208 1.96 -10.43 -0.47
C SER A 208 3.33 -10.32 0.21
N SER A 209 3.41 -10.69 1.50
CA SER A 209 4.69 -10.85 2.19
C SER A 209 5.15 -12.31 2.06
N VAL A 210 4.36 -13.08 1.35
CA VAL A 210 4.62 -14.47 1.12
C VAL A 210 5.79 -14.51 0.20
N GLY A 211 6.50 -15.62 0.19
CA GLY A 211 7.64 -15.80 -0.68
C GLY A 211 9.00 -15.28 -0.25
N VAL A 212 9.10 -14.69 0.93
CA VAL A 212 10.36 -14.09 1.35
C VAL A 212 11.25 -14.94 2.21
N SER A 213 12.32 -15.44 1.64
CA SER A 213 13.24 -16.29 2.41
C SER A 213 14.56 -15.60 2.68
N GLN A 214 15.06 -15.83 3.89
CA GLN A 214 16.41 -15.48 4.23
C GLN A 214 17.28 -16.71 3.92
N VAL A 215 18.15 -16.55 2.93
CA VAL A 215 19.02 -17.61 2.48
C VAL A 215 20.35 -17.49 3.21
N ARG A 216 20.62 -18.45 4.10
CA ARG A 216 21.79 -18.43 5.03
C ARG A 216 23.04 -19.13 4.49
N THR A 217 22.83 -20.15 3.66
CA THR A 217 23.93 -20.88 3.00
C THR A 217 23.60 -21.00 1.54
N ALA A 218 24.63 -21.32 0.76
CA ALA A 218 24.51 -21.54 -0.69
C ALA A 218 23.45 -22.55 -1.07
N ASP A 219 23.36 -23.62 -0.26
CA ASP A 219 22.51 -24.76 -0.56
C ASP A 219 21.02 -24.46 -0.39
N ALA A 220 20.70 -23.45 0.42
CA ALA A 220 19.27 -23.03 0.57
C ALA A 220 18.77 -22.14 -0.62
N PHE A 221 19.68 -21.67 -1.47
CA PHE A 221 19.27 -20.66 -2.44
C PHE A 221 18.22 -21.17 -3.44
N ALA A 222 18.44 -22.34 -3.99
CA ALA A 222 17.62 -22.78 -5.12
C ALA A 222 16.15 -22.96 -4.72
N ALA A 223 15.90 -23.45 -3.50
CA ALA A 223 14.57 -23.64 -3.02
C ALA A 223 13.82 -22.27 -2.78
N ALA A 224 14.55 -21.27 -2.25
CA ALA A 224 14.03 -19.87 -2.13
C ALA A 224 13.58 -19.34 -3.48
N LEU A 225 14.44 -19.49 -4.48
CA LEU A 225 14.22 -18.97 -5.78
C LEU A 225 13.00 -19.62 -6.30
N ALA A 226 12.88 -20.96 -6.15
CA ALA A 226 11.73 -21.64 -6.69
C ALA A 226 10.42 -21.34 -6.00
N LEU A 227 10.39 -21.23 -4.66
CA LEU A 227 9.15 -20.75 -3.98
C LEU A 227 8.72 -19.34 -4.40
N ALA A 228 9.67 -18.45 -4.62
CA ALA A 228 9.32 -17.05 -4.90
C ALA A 228 8.66 -16.96 -6.28
N LEU A 229 9.19 -17.76 -7.21
CA LEU A 229 8.66 -17.83 -8.53
C LEU A 229 7.25 -18.45 -8.61
N ALA A 230 6.71 -19.01 -7.53
CA ALA A 230 5.31 -19.43 -7.55
C ALA A 230 4.37 -18.28 -7.25
N TYR A 231 4.90 -17.16 -6.77
CA TYR A 231 4.11 -15.98 -6.46
C TYR A 231 4.22 -14.89 -7.50
N ASP A 232 5.39 -14.67 -8.08
CA ASP A 232 5.45 -13.69 -9.14
C ASP A 232 6.28 -14.25 -10.29
N HIS A 233 6.26 -13.55 -11.40
CA HIS A 233 7.14 -13.79 -12.52
C HIS A 233 8.52 -13.21 -12.33
N LYS A 234 8.71 -12.39 -11.32
CA LYS A 234 10.01 -11.79 -11.04
C LYS A 234 10.39 -11.93 -9.61
N VAL A 235 11.68 -12.16 -9.38
CA VAL A 235 12.15 -12.43 -8.01
C VAL A 235 13.38 -11.65 -7.81
N LEU A 236 13.45 -10.84 -6.73
CA LEU A 236 14.64 -10.08 -6.41
C LEU A 236 15.53 -10.93 -5.49
N VAL A 237 16.82 -10.81 -5.65
CA VAL A 237 17.72 -11.43 -4.70
C VAL A 237 18.54 -10.28 -4.17
N GLU A 238 18.41 -9.99 -2.90
CA GLU A 238 19.09 -8.80 -2.37
C GLU A 238 20.19 -9.12 -1.40
N ALA A 239 21.19 -8.25 -1.33
CA ALA A 239 22.21 -8.28 -0.25
C ALA A 239 21.52 -7.93 1.10
N ALA A 240 22.04 -8.44 2.21
CA ALA A 240 21.50 -8.10 3.52
C ALA A 240 21.90 -6.65 3.79
N VAL A 241 20.96 -5.90 4.35
CA VAL A 241 21.34 -4.59 4.88
C VAL A 241 21.36 -4.70 6.39
N ALA A 242 22.56 -4.55 6.97
CA ALA A 242 22.74 -4.47 8.42
C ALA A 242 22.38 -3.08 8.94
N GLY A 243 21.32 -2.99 9.73
CA GLY A 243 21.00 -1.73 10.36
C GLY A 243 19.60 -1.81 10.91
N ARG A 244 19.20 -0.77 11.65
CA ARG A 244 17.92 -0.72 12.34
C ARG A 244 16.75 -0.37 11.40
N GLU A 245 15.57 -0.86 11.69
CA GLU A 245 14.44 -0.70 10.83
C GLU A 245 13.59 0.45 11.22
N ILE A 246 13.48 1.44 10.37
CA ILE A 246 12.69 2.63 10.74
C ILE A 246 11.50 2.75 9.75
N GLU A 247 10.32 3.19 10.22
CA GLU A 247 9.14 3.43 9.36
C GLU A 247 8.64 4.87 9.56
N CYS A 248 8.21 5.48 8.45
CA CYS A 248 7.87 6.87 8.34
C CYS A 248 6.65 6.95 7.42
N ALA A 249 5.61 7.65 7.90
CA ALA A 249 4.31 7.79 7.22
C ALA A 249 4.40 9.05 6.41
N VAL A 250 3.89 9.02 5.17
CA VAL A 250 3.87 10.24 4.28
C VAL A 250 2.44 10.51 3.87
N LEU A 251 2.09 11.78 3.80
CA LEU A 251 0.74 12.27 3.46
C LEU A 251 0.81 13.44 2.51
N GLY A 252 -0.02 13.48 1.48
CA GLY A 252 0.00 14.64 0.61
C GLY A 252 0.01 14.25 -0.86
N ASN A 253 -0.32 15.23 -1.72
CA ASN A 253 -0.11 15.13 -3.16
C ASN A 253 1.17 15.83 -3.59
N ALA A 254 1.08 17.08 -4.07
CA ALA A 254 2.27 17.81 -4.51
C ALA A 254 3.25 18.23 -3.38
N VAL A 255 2.76 18.44 -2.18
CA VAL A 255 3.65 18.90 -1.12
C VAL A 255 3.55 17.89 0.03
N PRO A 256 4.24 16.73 -0.10
CA PRO A 256 4.01 15.64 0.85
C PRO A 256 4.53 16.05 2.22
N HIS A 257 3.98 15.52 3.28
CA HIS A 257 4.50 15.70 4.63
C HIS A 257 4.86 14.36 5.26
N ALA A 258 5.90 14.31 6.06
CA ALA A 258 6.36 13.10 6.76
C ALA A 258 6.08 13.12 8.28
N SER A 259 5.64 11.98 8.85
CA SER A 259 5.30 11.84 10.28
C SER A 259 6.60 11.71 11.06
N VAL A 260 6.51 11.68 12.41
CA VAL A 260 7.64 11.19 13.20
C VAL A 260 7.93 9.72 12.80
N CYS A 261 9.11 9.24 13.16
CA CYS A 261 9.54 7.87 12.92
C CYS A 261 9.18 6.78 13.94
N GLY A 262 9.07 5.54 13.48
CA GLY A 262 8.76 4.42 14.38
C GLY A 262 9.88 3.45 14.13
N GLU A 263 10.37 2.81 15.18
CA GLU A 263 11.44 1.82 14.98
C GLU A 263 10.88 0.46 15.21
N VAL A 264 11.19 -0.47 14.30
CA VAL A 264 10.77 -1.86 14.46
C VAL A 264 11.89 -2.63 15.18
N VAL A 265 11.54 -3.43 16.20
CA VAL A 265 12.54 -4.17 16.98
C VAL A 265 12.71 -5.67 16.61
N VAL A 266 13.93 -6.20 16.70
CA VAL A 266 14.27 -7.59 16.25
C VAL A 266 13.32 -8.71 16.77
N GLU A 284 6.16 -4.33 18.93
CA GLU A 284 7.60 -4.33 18.67
C GLU A 284 7.99 -3.22 17.70
N ILE A 285 7.02 -2.32 17.46
CA ILE A 285 7.28 -0.98 16.92
C ILE A 285 7.41 -0.05 18.11
N VAL A 286 8.34 0.92 18.04
CA VAL A 286 8.39 2.02 19.04
C VAL A 286 8.23 3.43 18.46
N ILE A 287 7.24 4.14 18.99
CA ILE A 287 6.92 5.44 18.50
C ILE A 287 6.95 6.49 19.62
N PRO A 288 7.67 7.62 19.41
CA PRO A 288 8.57 7.97 18.32
C PRO A 288 9.82 7.16 18.47
N ALA A 289 10.51 6.91 17.36
CA ALA A 289 11.75 6.11 17.35
C ALA A 289 12.83 6.76 18.22
N ASP A 290 13.71 5.93 18.78
CA ASP A 290 14.80 6.47 19.61
C ASP A 290 16.02 6.82 18.76
N ILE A 291 15.98 7.98 18.13
CA ILE A 291 17.03 8.42 17.24
C ILE A 291 17.02 9.93 17.37
N ASP A 292 18.03 10.55 16.81
CA ASP A 292 18.25 11.98 16.78
C ASP A 292 17.13 12.75 16.13
N ALA A 293 16.91 13.98 16.55
CA ALA A 293 16.05 14.86 15.78
C ALA A 293 16.59 14.92 14.34
N GLN A 294 17.92 14.99 14.21
CA GLN A 294 18.52 15.23 12.92
C GLN A 294 18.52 14.02 12.00
N THR A 295 18.66 12.85 12.60
CA THR A 295 18.47 11.59 11.95
C THR A 295 17.03 11.43 11.58
N GLN A 296 16.10 11.77 12.45
CA GLN A 296 14.71 11.64 12.12
C GLN A 296 14.40 12.51 10.90
N GLN A 297 14.98 13.71 10.88
CA GLN A 297 14.85 14.64 9.78
C GLN A 297 15.45 14.12 8.46
N ARG A 298 16.59 13.46 8.49
CA ARG A 298 17.14 12.91 7.26
C ARG A 298 16.23 11.85 6.69
N ILE A 299 15.73 10.98 7.55
CA ILE A 299 14.80 9.92 7.16
C ILE A 299 13.47 10.50 6.63
N GLN A 300 13.00 11.55 7.28
CA GLN A 300 11.80 12.21 6.80
C GLN A 300 12.00 12.74 5.40
N GLN A 301 13.16 13.39 5.15
CA GLN A 301 13.45 13.96 3.83
C GLN A 301 13.57 12.88 2.73
N ILE A 302 14.20 11.79 3.08
CA ILE A 302 14.41 10.70 2.11
C ILE A 302 13.06 9.98 1.78
N ALA A 303 12.22 9.84 2.79
CA ALA A 303 10.89 9.27 2.63
C ALA A 303 10.10 10.11 1.63
N VAL A 304 10.10 11.43 1.83
CA VAL A 304 9.48 12.36 0.89
C VAL A 304 10.04 12.30 -0.54
N GLN A 305 11.38 12.23 -0.68
CA GLN A 305 11.97 12.18 -2.02
C GLN A 305 11.64 10.83 -2.67
N ALA A 306 11.62 9.79 -1.87
CA ALA A 306 11.25 8.42 -2.36
C ALA A 306 9.82 8.45 -2.86
N TYR A 307 8.92 9.01 -2.06
CA TYR A 307 7.52 9.22 -2.43
C TYR A 307 7.37 10.00 -3.74
N GLN A 308 8.10 11.10 -3.87
CA GLN A 308 8.06 11.89 -5.10
C GLN A 308 8.59 11.16 -6.32
N ALA A 309 9.76 10.54 -6.20
CA ALA A 309 10.36 9.75 -7.29
C ALA A 309 9.39 8.68 -7.90
N LEU A 310 8.65 7.98 -7.09
CA LEU A 310 7.73 6.91 -7.59
C LEU A 310 6.37 7.41 -8.06
N GLY A 311 6.08 8.65 -7.76
CA GLY A 311 4.87 9.33 -8.25
C GLY A 311 3.69 8.99 -7.34
N CYS A 312 3.95 8.71 -6.05
CA CYS A 312 2.87 8.36 -5.08
C CYS A 312 1.92 9.55 -4.82
N ALA A 313 0.71 9.32 -4.32
CA ALA A 313 -0.21 10.44 -3.92
C ALA A 313 -1.05 9.94 -2.76
N GLY A 314 -1.63 10.86 -2.00
CA GLY A 314 -2.43 10.51 -0.83
C GLY A 314 -1.57 10.09 0.32
N MET A 315 -1.10 8.82 0.28
CA MET A 315 -0.47 8.21 1.43
C MET A 315 0.53 7.16 0.98
N ALA A 316 1.56 6.99 1.80
CA ALA A 316 2.46 5.80 1.76
C ALA A 316 3.13 5.67 3.10
N ARG A 317 3.56 4.45 3.42
CA ARG A 317 4.53 4.20 4.52
C ARG A 317 5.88 3.88 3.85
N VAL A 318 6.95 4.57 4.24
CA VAL A 318 8.28 4.27 3.73
C VAL A 318 9.10 3.52 4.83
N ASP A 319 9.63 2.35 4.49
CA ASP A 319 10.40 1.51 5.50
C ASP A 319 11.83 1.59 5.04
N VAL A 320 12.71 2.07 5.93
CA VAL A 320 14.10 2.22 5.60
C VAL A 320 14.92 1.44 6.66
N PHE A 321 16.16 1.15 6.28
CA PHE A 321 17.23 0.63 7.19
C PHE A 321 18.10 1.79 7.52
N LEU A 322 18.44 1.92 8.78
CA LEU A 322 19.34 2.95 9.22
C LEU A 322 20.62 2.27 9.65
N CYS A 323 21.66 2.52 8.91
CA CYS A 323 22.94 1.91 9.17
C CYS A 323 23.69 2.51 10.38
N ALA A 324 24.52 1.73 11.03
CA ALA A 324 25.36 2.31 12.07
C ALA A 324 26.15 3.14 11.13
N ASP A 325 26.63 4.30 11.47
CA ASP A 325 27.31 5.02 10.40
C ASP A 325 26.78 6.09 9.45
N GLY A 326 25.61 6.66 9.66
CA GLY A 326 24.24 6.31 9.51
C GLY A 326 23.67 6.59 8.13
N ARG A 327 24.08 5.82 7.16
CA ARG A 327 23.52 5.91 5.85
C ARG A 327 22.15 5.35 5.96
N ILE A 328 21.28 5.83 5.09
CA ILE A 328 19.88 5.41 4.98
C ILE A 328 19.53 4.67 3.67
N VAL A 329 19.05 3.42 3.81
CA VAL A 329 18.77 2.58 2.67
C VAL A 329 17.26 2.29 2.70
N ILE A 330 16.59 2.49 1.58
CA ILE A 330 15.16 2.26 1.54
C ILE A 330 14.92 0.80 1.24
N ASN A 331 14.08 0.19 2.04
CA ASN A 331 13.61 -1.19 1.85
C ASN A 331 12.36 -1.24 1.00
N GLU A 332 11.34 -0.48 1.41
CA GLU A 332 10.03 -0.48 0.79
C GLU A 332 9.28 0.84 0.82
N VAL A 333 8.55 1.17 -0.24
CA VAL A 333 7.52 2.23 -0.20
C VAL A 333 6.23 1.56 -0.39
N ASN A 334 5.35 1.66 0.59
CA ASN A 334 4.09 0.96 0.57
C ASN A 334 2.92 1.90 0.37
N THR A 335 2.17 1.70 -0.69
CA THR A 335 1.10 2.68 -1.05
C THR A 335 -0.26 2.32 -0.48
N LEU A 336 -0.32 1.19 0.24
CA LEU A 336 -1.54 0.82 0.95
C LEU A 336 -1.16 0.38 2.36
N PRO A 337 -0.95 1.37 3.25
CA PRO A 337 -0.74 1.02 4.65
C PRO A 337 -2.00 0.53 5.36
N GLY A 338 -1.80 -0.05 6.55
CA GLY A 338 -2.94 -0.43 7.42
C GLY A 338 -3.65 0.73 8.00
N PHE A 339 -4.94 0.54 8.18
CA PHE A 339 -5.73 1.61 8.66
C PHE A 339 -6.56 1.21 9.81
N THR A 340 -6.13 0.18 10.52
CA THR A 340 -6.82 -0.13 11.74
C THR A 340 -6.25 0.85 12.73
N ARG A 341 -6.86 0.89 13.92
CA ARG A 341 -6.32 1.70 15.03
C ARG A 341 -5.00 1.19 15.58
N ILE A 342 -4.75 -0.12 15.50
CA ILE A 342 -3.44 -0.65 15.83
C ILE A 342 -2.38 -0.53 14.73
N SER A 343 -2.74 -0.19 13.48
CA SER A 343 -1.74 -0.03 12.40
C SER A 343 -0.67 1.06 12.53
N VAL A 344 0.52 0.81 11.97
CA VAL A 344 1.63 1.76 12.09
C VAL A 344 1.38 3.12 11.47
N TYR A 345 0.81 3.15 10.26
CA TYR A 345 0.70 4.39 9.51
C TYR A 345 -0.15 5.46 10.32
N PRO A 346 -1.34 5.10 10.76
CA PRO A 346 -2.11 6.04 11.60
C PRO A 346 -1.52 6.29 12.99
N LYS A 347 -0.89 5.28 13.60
CA LYS A 347 -0.19 5.52 14.87
C LYS A 347 0.90 6.59 14.66
N LEU A 348 1.56 6.57 13.48
CA LEU A 348 2.69 7.48 13.24
C LEU A 348 2.15 8.86 13.11
N TRP A 349 0.97 8.97 12.48
CA TRP A 349 0.36 10.26 12.37
C TRP A 349 -0.15 10.80 13.71
N GLN A 350 -0.78 9.93 14.51
CA GLN A 350 -1.27 10.25 15.88
C GLN A 350 -0.14 10.89 16.70
N ALA A 351 1.00 10.18 16.71
CA ALA A 351 2.28 10.62 17.29
C ALA A 351 2.85 11.89 16.67
N SER A 352 2.30 12.33 15.54
CA SER A 352 2.74 13.60 14.95
C SER A 352 1.69 14.69 15.12
N GLY A 353 0.63 14.42 15.87
CA GLY A 353 -0.37 15.47 16.12
C GLY A 353 -1.55 15.38 15.18
N LEU A 354 -1.62 14.33 14.37
CA LEU A 354 -2.77 14.16 13.49
C LEU A 354 -3.68 12.98 13.87
N ASP A 355 -4.86 13.32 14.39
CA ASP A 355 -5.88 12.37 14.82
C ASP A 355 -6.41 11.50 13.64
N TYR A 356 -6.90 10.32 13.96
CA TYR A 356 -7.33 9.35 13.01
C TYR A 356 -8.46 9.93 12.15
N ARG A 357 -9.35 10.68 12.79
CA ARG A 357 -10.48 11.23 12.16
C ARG A 357 -9.91 12.20 11.19
N GLY A 358 -8.99 13.04 11.68
CA GLY A 358 -8.38 14.13 10.89
C GLY A 358 -7.55 13.60 9.72
N LEU A 359 -6.93 12.45 9.93
CA LEU A 359 -6.14 11.81 8.85
C LEU A 359 -7.05 11.36 7.67
N ILE A 360 -8.09 10.61 8.00
CA ILE A 360 -9.14 10.14 7.04
C ILE A 360 -9.76 11.27 6.24
N THR A 361 -10.16 12.34 6.96
CA THR A 361 -10.67 13.55 6.30
C THR A 361 -9.70 14.16 5.32
N ARG A 362 -8.41 14.27 5.69
CA ARG A 362 -7.42 14.87 4.84
C ARG A 362 -7.16 13.94 3.65
N LEU A 363 -7.22 12.62 3.86
CA LEU A 363 -7.06 11.70 2.68
C LEU A 363 -8.19 11.90 1.69
N ILE A 364 -9.39 12.19 2.18
CA ILE A 364 -10.52 12.45 1.25
C ILE A 364 -10.37 13.75 0.50
N GLU A 365 -10.03 14.82 1.21
CA GLU A 365 -9.79 16.13 0.56
C GLU A 365 -8.71 16.07 -0.51
N LEU A 366 -7.63 15.35 -0.19
CA LEU A 366 -6.54 15.13 -1.19
C LEU A 366 -7.05 14.38 -2.45
N ALA A 367 -7.89 13.38 -2.22
CA ALA A 367 -8.47 12.65 -3.35
C ALA A 367 -9.30 13.64 -4.21
N LEU A 368 -10.13 14.48 -3.58
CA LEU A 368 -10.95 15.45 -4.38
C LEU A 368 -10.09 16.50 -5.06
N GLU A 369 -9.05 17.01 -4.41
CA GLU A 369 -8.16 18.02 -5.05
C GLU A 369 -7.48 17.43 -6.29
N ARG A 370 -7.00 16.21 -6.19
CA ARG A 370 -6.37 15.55 -7.32
C ARG A 370 -7.36 15.35 -8.42
N HIS A 371 -8.53 14.88 -8.07
CA HIS A 371 -9.55 14.64 -9.05
C HIS A 371 -9.93 15.90 -9.84
N THR A 372 -10.19 16.99 -9.11
CA THR A 372 -10.46 18.32 -9.71
C THR A 372 -9.34 18.77 -10.67
N ASP A 373 -8.09 18.68 -10.22
CA ASP A 373 -6.94 19.03 -11.06
C ASP A 373 -6.83 18.19 -12.31
N ASP A 374 -7.08 16.89 -12.20
CA ASP A 374 -6.94 15.96 -13.29
C ASP A 374 -8.05 16.23 -14.32
N GLN A 375 -9.17 16.76 -13.83
CA GLN A 375 -10.37 16.92 -14.64
C GLN A 375 -10.10 17.84 -15.74
N LEU A 376 -9.52 18.95 -15.36
CA LEU A 376 -9.18 20.01 -16.26
C LEU A 376 -8.15 19.57 -17.29
N LEU A 377 -7.12 18.84 -16.86
CA LEU A 377 -6.11 18.36 -17.77
C LEU A 377 -6.69 17.37 -18.75
N ARG A 378 -7.57 16.52 -18.28
CA ARG A 378 -8.19 15.48 -19.09
C ARG A 378 -8.90 16.24 -20.14
N SER A 379 -9.43 17.35 -19.69
CA SER A 379 -10.33 18.30 -20.31
C SER A 379 -9.74 18.96 -21.56
N ALA A 380 -8.48 19.30 -21.52
CA ALA A 380 -7.76 19.74 -22.69
C ALA A 380 -7.65 18.53 -23.57
N VAL A 381 -7.64 18.68 -24.89
CA VAL A 381 -7.51 17.51 -25.76
C VAL A 381 -8.44 17.60 -26.96
N GLU A 382 -8.13 16.91 -28.06
CA GLU A 382 -8.90 17.15 -29.24
C GLU A 382 -8.60 18.59 -29.57
#